data_8SP5
#
_entry.id   8SP5
#
_cell.length_a   93.096
_cell.length_b   122.378
_cell.length_c   43.412
_cell.angle_alpha   90.00
_cell.angle_beta   90.00
_cell.angle_gamma   90.00
#
_symmetry.space_group_name_H-M   'P 21 21 2'
#
loop_
_entity.id
_entity.type
_entity.pdbx_description
1 polymer 'LINE-1 retrotransposon endonuclease'
2 non-polymer 'MANGANESE (II) ION'
3 non-polymer 'SULFATE ION'
4 water water
#
_entity_poly.entity_id   1
_entity_poly.type   'polypeptide(L)'
_entity_poly.pdbx_seq_one_letter_code
;MTGSTSHITILTLNINGLNSAIKRHRLASWIKSQDPSVCCIQETHLTCRDTHRLKIKGWRKIYQANGKQKKAGVAILVSD
KTDFKPTKIKRDKEGHYIMVKGSIQQEELTILNIYAPNTGAPRFIKQVLSDLQRDLDSHTLIMGDFNTPLSTLDRSTRQK
VNKDTQELNSALHQADLIDIYRTLHPKSTEYTFFSAPHHTYSKIDHIVGSKALLSKCKRTEIITNYLSDHSAIKLELRI
;
_entity_poly.pdbx_strand_id   A,B
#
loop_
_chem_comp.id
_chem_comp.type
_chem_comp.name
_chem_comp.formula
MN non-polymer 'MANGANESE (II) ION' 'Mn 2'
SO4 non-polymer 'SULFATE ION' 'O4 S -2'
#
# COMPACT_ATOMS: atom_id res chain seq x y z
N SER A 4 12.88 20.73 -8.66
CA SER A 4 13.23 20.35 -7.28
C SER A 4 13.26 18.85 -7.16
N THR A 5 13.76 18.17 -8.20
CA THR A 5 13.42 16.76 -8.42
C THR A 5 14.51 16.10 -9.28
N SER A 6 15.54 15.54 -8.63
CA SER A 6 16.48 14.65 -9.31
C SER A 6 16.52 13.29 -8.63
N HIS A 7 15.35 12.79 -8.25
CA HIS A 7 15.20 11.43 -7.76
C HIS A 7 14.54 10.59 -8.84
N ILE A 8 15.11 9.43 -9.14
CA ILE A 8 14.49 8.48 -10.04
C ILE A 8 13.60 7.55 -9.24
N THR A 9 12.47 7.16 -9.80
CA THR A 9 11.60 6.17 -9.19
C THR A 9 11.48 4.98 -10.13
N ILE A 10 11.79 3.80 -9.62
CA ILE A 10 11.66 2.53 -10.34
C ILE A 10 10.49 1.77 -9.73
N LEU A 11 9.69 1.17 -10.58
CA LEU A 11 8.43 0.54 -10.19
C LEU A 11 8.42 -0.86 -10.77
N THR A 12 7.89 -1.82 -10.05
CA THR A 12 7.72 -3.17 -10.56
C THR A 12 6.26 -3.60 -10.40
N LEU A 13 5.71 -4.25 -11.45
CA LEU A 13 4.30 -4.65 -11.48
C LEU A 13 4.10 -5.85 -12.37
N ASN A 14 3.61 -6.95 -11.81
CA ASN A 14 3.07 -8.04 -12.60
C ASN A 14 1.68 -7.62 -13.06
N ILE A 15 1.53 -7.44 -14.39
CA ILE A 15 0.31 -6.86 -14.96
C ILE A 15 -0.71 -7.89 -15.42
N ASN A 16 -0.33 -9.18 -15.47
CA ASN A 16 -1.25 -10.27 -15.85
C ASN A 16 -1.87 -10.09 -17.24
N GLY A 17 -1.02 -9.84 -18.24
CA GLY A 17 -1.44 -9.89 -19.63
C GLY A 17 -1.71 -8.54 -20.24
N LEU A 18 -1.12 -8.26 -21.42
CA LEU A 18 -1.28 -6.97 -22.09
C LEU A 18 -1.75 -7.13 -23.54
N ASN A 19 -2.31 -8.27 -23.91
CA ASN A 19 -2.76 -8.44 -25.28
C ASN A 19 -3.95 -7.56 -25.63
N SER A 20 -4.74 -7.14 -24.65
CA SER A 20 -5.87 -6.27 -24.96
C SER A 20 -5.42 -4.82 -25.04
N ALA A 21 -5.76 -4.15 -26.15
CA ALA A 21 -5.41 -2.74 -26.31
C ALA A 21 -6.06 -1.87 -25.23
N ILE A 22 -7.30 -2.16 -24.87
CA ILE A 22 -7.97 -1.36 -23.85
C ILE A 22 -7.24 -1.51 -22.52
N LYS A 23 -6.83 -2.72 -22.19
CA LYS A 23 -6.00 -2.93 -21.00
C LYS A 23 -4.69 -2.15 -21.08
N ARG A 24 -4.04 -2.11 -22.27
CA ARG A 24 -2.83 -1.30 -22.40
C ARG A 24 -3.09 0.18 -22.10
N HIS A 25 -4.29 0.68 -22.44
CA HIS A 25 -4.62 2.07 -22.12
C HIS A 25 -4.82 2.27 -20.62
N ARG A 26 -5.40 1.29 -19.91
CA ARG A 26 -5.51 1.43 -18.46
C ARG A 26 -4.13 1.46 -17.82
N LEU A 27 -3.23 0.57 -18.27
CA LEU A 27 -1.86 0.59 -17.78
C LEU A 27 -1.19 1.92 -18.10
N ALA A 28 -1.42 2.45 -19.30
CA ALA A 28 -0.78 3.70 -19.70
C ALA A 28 -1.21 4.84 -18.78
N SER A 29 -2.49 4.91 -18.44
CA SER A 29 -2.98 5.94 -17.51
C SER A 29 -2.40 5.75 -16.12
N TRP A 30 -2.39 4.51 -15.63
CA TRP A 30 -1.83 4.20 -14.31
C TRP A 30 -0.36 4.61 -14.25
N ILE A 31 0.42 4.22 -15.26
CA ILE A 31 1.83 4.59 -15.27
C ILE A 31 1.98 6.09 -15.25
N LYS A 32 1.17 6.81 -16.04
CA LYS A 32 1.25 8.27 -16.07
C LYS A 32 0.95 8.87 -14.69
N SER A 33 -0.01 8.29 -13.95
CA SER A 33 -0.27 8.74 -12.59
C SER A 33 0.91 8.46 -11.68
N GLN A 34 1.44 7.24 -11.72
CA GLN A 34 2.58 6.90 -10.89
C GLN A 34 3.83 7.68 -11.31
N ASP A 35 3.94 8.02 -12.60
CA ASP A 35 5.03 8.81 -13.13
C ASP A 35 6.42 8.29 -12.73
N PRO A 36 6.70 7.02 -12.96
CA PRO A 36 8.04 6.51 -12.63
C PRO A 36 9.06 6.82 -13.71
N SER A 37 10.31 6.91 -13.28
CA SER A 37 11.40 7.03 -14.24
C SER A 37 11.58 5.74 -15.03
N VAL A 38 11.52 4.61 -14.33
CA VAL A 38 11.77 3.31 -14.93
C VAL A 38 10.67 2.36 -14.44
N CYS A 39 10.15 1.54 -15.35
CA CYS A 39 9.02 0.70 -15.04
C CYS A 39 9.36 -0.73 -15.45
N CYS A 40 9.28 -1.64 -14.50
CA CYS A 40 9.47 -3.08 -14.74
C CYS A 40 8.11 -3.76 -14.68
N ILE A 41 7.71 -4.38 -15.80
CA ILE A 41 6.44 -5.08 -15.93
C ILE A 41 6.73 -6.56 -16.11
N GLN A 42 5.92 -7.41 -15.46
CA GLN A 42 5.98 -8.85 -15.70
C GLN A 42 4.66 -9.36 -16.24
N GLU A 43 4.75 -10.47 -16.96
CA GLU A 43 3.57 -11.12 -17.56
C GLU A 43 2.88 -10.20 -18.58
N THR A 44 3.65 -9.64 -19.51
CA THR A 44 3.03 -8.96 -20.64
C THR A 44 2.16 -9.91 -21.44
N HIS A 45 2.52 -11.20 -21.47
CA HIS A 45 1.90 -12.22 -22.32
C HIS A 45 2.01 -11.89 -23.81
N LEU A 46 2.96 -11.03 -24.21
CA LEU A 46 3.16 -10.73 -25.61
C LEU A 46 4.17 -11.72 -26.21
N THR A 47 3.78 -12.37 -27.32
CA THR A 47 4.74 -13.17 -28.06
C THR A 47 5.83 -12.27 -28.64
N CYS A 48 6.90 -12.89 -29.13
CA CYS A 48 7.97 -12.11 -29.76
C CYS A 48 7.48 -11.41 -31.03
N ARG A 49 6.45 -11.96 -31.69
CA ARG A 49 5.86 -11.29 -32.85
C ARG A 49 5.11 -10.03 -32.49
N ASP A 50 4.56 -9.96 -31.28
CA ASP A 50 3.59 -8.93 -30.93
C ASP A 50 4.16 -7.82 -30.07
N THR A 51 5.49 -7.83 -29.82
CA THR A 51 6.08 -6.87 -28.90
C THR A 51 5.92 -5.45 -29.39
N HIS A 52 5.83 -5.25 -30.71
CA HIS A 52 5.67 -3.92 -31.26
C HIS A 52 4.35 -3.28 -30.91
N ARG A 53 3.38 -4.05 -30.40
CA ARG A 53 2.08 -3.50 -30.05
C ARG A 53 2.11 -2.70 -28.75
N LEU A 54 3.10 -2.94 -27.90
CA LEU A 54 3.19 -2.29 -26.60
C LEU A 54 3.64 -0.85 -26.79
N LYS A 55 2.70 0.08 -26.75
CA LYS A 55 2.99 1.51 -26.81
C LYS A 55 2.32 2.17 -25.62
N ILE A 56 3.08 3.02 -24.92
CA ILE A 56 2.67 3.68 -23.69
C ILE A 56 3.09 5.14 -23.81
N LYS A 57 2.13 6.04 -24.04
CA LYS A 57 2.43 7.46 -24.21
C LYS A 57 3.30 7.95 -23.07
N GLY A 58 4.44 8.51 -23.41
CA GLY A 58 5.34 9.06 -22.44
C GLY A 58 6.45 8.12 -22.02
N TRP A 59 6.42 6.87 -22.48
CA TRP A 59 7.44 5.85 -22.16
C TRP A 59 7.80 5.11 -23.46
N ARG A 60 8.52 5.77 -24.36
CA ARG A 60 8.76 5.15 -25.67
C ARG A 60 10.03 4.29 -25.73
N LYS A 61 10.96 4.45 -24.79
CA LYS A 61 12.06 3.50 -24.68
C LYS A 61 11.54 2.27 -23.95
N ILE A 62 11.29 1.19 -24.68
CA ILE A 62 10.81 -0.05 -24.08
C ILE A 62 11.75 -1.17 -24.51
N TYR A 63 12.15 -2.01 -23.56
CA TYR A 63 12.98 -3.18 -23.79
C TYR A 63 12.22 -4.40 -23.32
N GLN A 64 12.16 -5.42 -24.18
CA GLN A 64 11.26 -6.54 -23.93
C GLN A 64 11.98 -7.86 -24.15
N ALA A 65 11.60 -8.85 -23.35
CA ALA A 65 11.99 -10.24 -23.55
C ALA A 65 10.75 -11.09 -23.54
N ASN A 66 10.57 -11.92 -24.56
CA ASN A 66 9.32 -12.65 -24.73
C ASN A 66 9.60 -14.06 -25.22
N GLY A 67 8.64 -14.94 -24.96
CA GLY A 67 8.63 -16.27 -25.55
C GLY A 67 7.79 -16.31 -26.81
N LYS A 68 7.44 -17.52 -27.23
CA LYS A 68 6.65 -17.70 -28.45
C LYS A 68 5.17 -17.87 -28.19
N GLN A 69 4.75 -18.03 -26.94
CA GLN A 69 3.33 -18.13 -26.59
C GLN A 69 2.90 -16.91 -25.80
N LYS A 70 1.60 -16.82 -25.53
CA LYS A 70 1.01 -15.69 -24.82
C LYS A 70 1.08 -15.95 -23.32
N LYS A 71 2.32 -15.95 -22.86
CA LYS A 71 2.77 -16.54 -21.62
C LYS A 71 4.02 -15.78 -21.22
N ALA A 72 4.19 -15.49 -19.93
CA ALA A 72 5.37 -14.80 -19.41
C ALA A 72 5.48 -13.44 -20.10
N GLY A 73 6.67 -13.03 -20.56
CA GLY A 73 6.88 -11.73 -21.18
C GLY A 73 7.20 -10.61 -20.20
N VAL A 74 8.38 -10.01 -20.30
CA VAL A 74 8.74 -8.91 -19.40
C VAL A 74 9.10 -7.68 -20.22
N ALA A 75 9.18 -6.54 -19.53
CA ALA A 75 9.45 -5.28 -20.20
C ALA A 75 9.99 -4.27 -19.21
N ILE A 76 11.00 -3.51 -19.63
CA ILE A 76 11.51 -2.39 -18.86
C ILE A 76 11.22 -1.15 -19.68
N LEU A 77 10.43 -0.23 -19.11
CA LEU A 77 10.09 1.00 -19.79
C LEU A 77 10.78 2.17 -19.11
N VAL A 78 11.25 3.11 -19.90
CA VAL A 78 11.95 4.28 -19.39
C VAL A 78 11.17 5.52 -19.80
N SER A 79 11.02 6.44 -18.86
CA SER A 79 10.25 7.64 -19.11
C SER A 79 10.91 8.47 -20.22
N ASP A 80 10.07 9.12 -21.02
CA ASP A 80 10.60 10.08 -21.98
C ASP A 80 11.37 11.20 -21.31
N LYS A 81 11.11 11.45 -20.02
CA LYS A 81 11.76 12.55 -19.31
C LYS A 81 13.07 12.14 -18.62
N THR A 82 13.46 10.87 -18.73
CA THR A 82 14.68 10.33 -18.15
C THR A 82 15.65 10.00 -19.27
N ASP A 83 16.85 10.59 -19.21
CA ASP A 83 17.87 10.28 -20.22
C ASP A 83 18.60 9.01 -19.79
N PHE A 84 18.25 7.89 -20.40
CA PHE A 84 18.90 6.62 -20.15
C PHE A 84 19.79 6.25 -21.34
N LYS A 85 21.08 6.03 -21.07
CA LYS A 85 21.99 5.58 -22.11
C LYS A 85 22.28 4.10 -21.88
N PRO A 86 21.74 3.20 -22.71
CA PRO A 86 22.00 1.77 -22.50
C PRO A 86 23.36 1.37 -23.06
N THR A 87 23.98 0.39 -22.38
CA THR A 87 25.16 -0.29 -22.90
C THR A 87 24.95 -1.77 -23.17
N LYS A 88 23.98 -2.41 -22.53
CA LYS A 88 23.80 -3.84 -22.70
C LYS A 88 22.37 -4.23 -22.33
N ILE A 89 21.74 -5.04 -23.18
CA ILE A 89 20.42 -5.60 -22.94
C ILE A 89 20.51 -7.10 -23.17
N LYS A 90 20.12 -7.89 -22.18
CA LYS A 90 20.19 -9.34 -22.24
C LYS A 90 18.81 -9.90 -21.94
N ARG A 91 18.27 -10.65 -22.90
CA ARG A 91 16.89 -11.11 -22.90
C ARG A 91 16.83 -12.61 -22.67
N ASP A 92 15.86 -13.05 -21.88
CA ASP A 92 15.63 -14.46 -21.72
C ASP A 92 14.90 -14.96 -22.96
N LYS A 93 15.33 -16.10 -23.50
CA LYS A 93 14.66 -16.63 -24.68
C LYS A 93 13.21 -17.00 -24.38
N GLU A 94 12.91 -17.45 -23.15
CA GLU A 94 11.53 -17.78 -22.81
C GLU A 94 10.74 -16.63 -22.20
N GLY A 95 11.34 -15.44 -22.06
CA GLY A 95 10.59 -14.29 -21.61
C GLY A 95 10.36 -14.24 -20.11
N HIS A 96 11.24 -14.86 -19.33
CA HIS A 96 11.13 -14.80 -17.89
C HIS A 96 12.06 -13.76 -17.26
N TYR A 97 12.95 -13.15 -18.03
CA TYR A 97 13.76 -12.08 -17.47
C TYR A 97 14.36 -11.22 -18.58
N ILE A 98 14.71 -9.99 -18.19
CA ILE A 98 15.49 -9.10 -19.03
C ILE A 98 16.37 -8.25 -18.12
N MET A 99 17.62 -8.07 -18.53
CA MET A 99 18.54 -7.18 -17.86
C MET A 99 18.89 -6.03 -18.77
N VAL A 100 18.79 -4.80 -18.24
CA VAL A 100 19.22 -3.61 -18.95
C VAL A 100 20.29 -2.93 -18.12
N LYS A 101 21.45 -2.71 -18.74
CA LYS A 101 22.55 -1.96 -18.13
C LYS A 101 22.71 -0.63 -18.86
N GLY A 102 22.96 0.42 -18.09
CA GLY A 102 23.21 1.71 -18.70
C GLY A 102 23.54 2.73 -17.65
N SER A 103 23.27 3.99 -17.97
CA SER A 103 23.51 5.04 -17.00
C SER A 103 22.42 6.10 -17.13
N ILE A 104 22.13 6.74 -15.99
CA ILE A 104 21.29 7.92 -15.92
C ILE A 104 22.11 9.01 -15.25
N GLN A 105 22.28 10.14 -15.93
CA GLN A 105 23.00 11.30 -15.40
C GLN A 105 24.38 10.90 -14.88
N GLN A 106 25.09 10.12 -15.69
CA GLN A 106 26.47 9.68 -15.44
C GLN A 106 26.61 8.63 -14.34
N GLU A 107 25.52 8.11 -13.80
CA GLU A 107 25.59 7.10 -12.76
C GLU A 107 25.09 5.75 -13.28
N GLU A 108 25.93 4.73 -13.12
CA GLU A 108 25.64 3.40 -13.65
C GLU A 108 24.48 2.76 -12.90
N LEU A 109 23.73 1.94 -13.63
CA LEU A 109 22.56 1.27 -13.10
C LEU A 109 22.36 0.01 -13.90
N THR A 110 22.25 -1.12 -13.20
CA THR A 110 22.00 -2.43 -13.79
C THR A 110 20.66 -2.92 -13.24
N ILE A 111 19.70 -3.13 -14.14
CA ILE A 111 18.35 -3.52 -13.75
C ILE A 111 18.05 -4.89 -14.32
N LEU A 112 17.78 -5.86 -13.44
CA LEU A 112 17.29 -7.18 -13.81
C LEU A 112 15.81 -7.28 -13.44
N ASN A 113 14.95 -7.35 -14.45
CA ASN A 113 13.51 -7.56 -14.30
C ASN A 113 13.23 -9.05 -14.45
N ILE A 114 12.64 -9.67 -13.43
CA ILE A 114 12.50 -11.11 -13.43
C ILE A 114 11.06 -11.52 -13.16
N TYR A 115 10.62 -12.56 -13.87
CA TYR A 115 9.37 -13.26 -13.62
C TYR A 115 9.72 -14.74 -13.47
N ALA A 116 9.85 -15.20 -12.25
CA ALA A 116 10.15 -16.60 -12.00
C ALA A 116 8.89 -17.46 -12.14
N PRO A 117 9.04 -18.71 -12.54
CA PRO A 117 7.88 -19.62 -12.62
C PRO A 117 7.31 -19.96 -11.24
N ASN A 118 6.01 -20.29 -11.20
CA ASN A 118 5.37 -20.68 -9.95
C ASN A 118 6.11 -21.85 -9.30
N THR A 119 6.58 -22.78 -10.11
CA THR A 119 7.22 -23.99 -9.64
C THR A 119 8.75 -23.85 -9.73
N GLY A 120 9.44 -24.18 -8.66
CA GLY A 120 10.89 -24.08 -8.63
C GLY A 120 11.42 -22.67 -8.73
N ALA A 121 10.73 -21.70 -8.11
CA ALA A 121 11.11 -20.31 -8.28
C ALA A 121 12.48 -19.98 -7.69
N PRO A 122 12.78 -20.26 -6.41
CA PRO A 122 14.10 -19.86 -5.88
C PRO A 122 15.27 -20.53 -6.59
N ARG A 123 15.11 -21.75 -7.09
CA ARG A 123 16.17 -22.35 -7.89
C ARG A 123 16.27 -21.65 -9.26
N PHE A 124 15.13 -21.26 -9.85
CA PHE A 124 15.19 -20.60 -11.15
C PHE A 124 15.90 -19.25 -11.06
N ILE A 125 15.68 -18.51 -9.96
CA ILE A 125 16.32 -17.22 -9.76
C ILE A 125 17.80 -17.39 -9.45
N LYS A 126 18.15 -18.41 -8.66
CA LYS A 126 19.55 -18.68 -8.38
C LYS A 126 20.31 -19.00 -9.66
N GLN A 127 19.65 -19.67 -10.61
CA GLN A 127 20.33 -19.98 -11.87
C GLN A 127 20.51 -18.74 -12.74
N VAL A 128 19.50 -17.86 -12.77
CA VAL A 128 19.65 -16.60 -13.50
C VAL A 128 20.82 -15.80 -12.95
N LEU A 129 20.93 -15.71 -11.62
CA LEU A 129 22.04 -15.02 -10.99
C LEU A 129 23.38 -15.59 -11.44
N SER A 130 23.47 -16.92 -11.49
CA SER A 130 24.70 -17.57 -11.94
C SER A 130 24.97 -17.28 -13.41
N ASP A 131 23.94 -17.37 -14.25
CA ASP A 131 24.12 -17.09 -15.67
C ASP A 131 24.57 -15.64 -15.90
N LEU A 132 24.05 -14.71 -15.10
CA LEU A 132 24.33 -13.30 -15.27
C LEU A 132 25.46 -12.82 -14.37
N GLN A 133 26.17 -13.74 -13.74
CA GLN A 133 27.15 -13.40 -12.70
C GLN A 133 28.09 -12.27 -13.15
N ARG A 134 28.63 -12.36 -14.37
CA ARG A 134 29.58 -11.36 -14.85
C ARG A 134 28.97 -9.97 -14.95
N ASP A 135 27.64 -9.84 -15.02
CA ASP A 135 26.97 -8.56 -15.22
C ASP A 135 26.46 -7.94 -13.92
N LEU A 136 26.39 -8.70 -12.82
CA LEU A 136 26.02 -8.13 -11.54
C LEU A 136 27.17 -7.29 -10.99
N ASP A 137 26.83 -6.20 -10.32
CA ASP A 137 27.83 -5.26 -9.81
C ASP A 137 27.24 -4.62 -8.55
N SER A 138 27.87 -3.53 -8.09
CA SER A 138 27.38 -2.82 -6.91
C SER A 138 26.40 -1.69 -7.24
N HIS A 139 25.85 -1.64 -8.45
CA HIS A 139 24.77 -0.72 -8.80
C HIS A 139 23.59 -1.51 -9.38
N THR A 140 23.29 -2.66 -8.79
CA THR A 140 22.33 -3.58 -9.37
C THR A 140 21.02 -3.54 -8.61
N LEU A 141 19.92 -3.52 -9.36
CA LEU A 141 18.58 -3.74 -8.84
C LEU A 141 17.99 -5.00 -9.48
N ILE A 142 17.48 -5.90 -8.66
CA ILE A 142 16.72 -7.06 -9.13
C ILE A 142 15.28 -6.90 -8.62
N MET A 143 14.34 -6.82 -9.54
CA MET A 143 12.96 -6.61 -9.12
C MET A 143 12.01 -7.38 -10.00
N GLY A 144 10.89 -7.77 -9.40
CA GLY A 144 9.86 -8.46 -10.13
C GLY A 144 9.14 -9.46 -9.25
N ASP A 145 8.55 -10.43 -9.94
CA ASP A 145 7.71 -11.47 -9.36
C ASP A 145 8.60 -12.69 -9.14
N PHE A 146 9.21 -12.77 -7.96
CA PHE A 146 10.04 -13.90 -7.57
C PHE A 146 9.23 -15.17 -7.36
N ASN A 147 7.90 -15.06 -7.23
CA ASN A 147 7.02 -16.19 -6.92
C ASN A 147 7.49 -16.95 -5.69
N THR A 148 8.09 -16.24 -4.74
CA THR A 148 8.56 -16.86 -3.51
C THR A 148 8.76 -15.78 -2.46
N PRO A 149 8.46 -16.07 -1.20
CA PRO A 149 8.98 -15.22 -0.12
C PRO A 149 10.50 -15.31 -0.08
N LEU A 150 11.13 -14.29 0.50
CA LEU A 150 12.54 -14.38 0.87
C LEU A 150 12.79 -14.58 2.36
N SER A 151 11.84 -14.17 3.22
CA SER A 151 11.97 -14.40 4.65
C SER A 151 10.58 -14.65 5.25
N THR A 152 10.54 -14.96 6.55
CA THR A 152 9.33 -15.51 7.14
C THR A 152 8.16 -14.53 7.08
N LEU A 153 8.42 -13.23 7.27
CA LEU A 153 7.31 -12.28 7.29
C LEU A 153 6.76 -11.98 5.89
N ASP A 154 7.38 -12.49 4.83
CA ASP A 154 6.78 -12.34 3.51
C ASP A 154 5.57 -13.24 3.30
N ARG A 155 5.14 -14.00 4.31
CA ARG A 155 3.92 -14.79 4.23
C ARG A 155 3.09 -14.64 5.50
N SER A 156 1.77 -14.53 5.31
CA SER A 156 0.85 -14.44 6.44
C SER A 156 0.93 -15.67 7.35
N THR A 157 1.23 -16.85 6.78
CA THR A 157 1.38 -18.05 7.60
C THR A 157 2.63 -18.01 8.48
N ARG A 158 3.56 -17.07 8.24
CA ARG A 158 4.84 -16.97 8.95
C ARG A 158 5.62 -18.30 8.95
N GLN A 159 5.45 -19.09 7.90
CA GLN A 159 6.23 -20.30 7.72
C GLN A 159 7.68 -19.97 7.35
N LYS A 160 8.62 -20.67 7.97
CA LYS A 160 10.03 -20.48 7.62
C LYS A 160 10.27 -20.87 6.17
N VAL A 161 11.21 -20.19 5.52
CA VAL A 161 11.47 -20.45 4.10
C VAL A 161 12.18 -21.78 3.93
N ASN A 162 11.98 -22.40 2.75
CA ASN A 162 12.51 -23.71 2.40
C ASN A 162 14.01 -23.65 2.12
N LYS A 163 14.62 -24.84 1.98
CA LYS A 163 16.04 -24.91 1.69
C LYS A 163 16.39 -24.17 0.40
N ASP A 164 15.59 -24.36 -0.65
CA ASP A 164 15.85 -23.67 -1.90
C ASP A 164 15.88 -22.16 -1.71
N THR A 165 14.92 -21.62 -0.95
CA THR A 165 14.95 -20.18 -0.70
C THR A 165 16.21 -19.81 0.07
N GLN A 166 16.63 -20.66 1.01
CA GLN A 166 17.82 -20.37 1.78
C GLN A 166 19.05 -20.35 0.87
N GLU A 167 19.15 -21.30 -0.06
CA GLU A 167 20.24 -21.29 -1.02
C GLU A 167 20.17 -20.06 -1.91
N LEU A 168 18.96 -19.59 -2.24
CA LEU A 168 18.84 -18.36 -3.02
C LEU A 168 19.42 -17.19 -2.25
N ASN A 169 19.11 -17.08 -0.96
CA ASN A 169 19.58 -15.95 -0.17
C ASN A 169 21.09 -16.00 0.01
N SER A 170 21.68 -17.19 0.10
CA SER A 170 23.13 -17.28 0.18
C SER A 170 23.79 -16.75 -1.08
N ALA A 171 23.22 -17.08 -2.24
CA ALA A 171 23.76 -16.58 -3.50
C ALA A 171 23.63 -15.06 -3.57
N LEU A 172 22.47 -14.51 -3.21
CA LEU A 172 22.33 -13.06 -3.16
C LEU A 172 23.37 -12.43 -2.22
N HIS A 173 23.62 -13.06 -1.07
CA HIS A 173 24.63 -12.58 -0.13
C HIS A 173 26.03 -12.58 -0.75
N GLN A 174 26.35 -13.58 -1.57
CA GLN A 174 27.66 -13.65 -2.22
C GLN A 174 27.85 -12.53 -3.24
N ALA A 175 26.76 -11.98 -3.76
CA ALA A 175 26.80 -10.88 -4.72
C ALA A 175 26.56 -9.54 -4.05
N ASP A 176 26.57 -9.51 -2.72
CA ASP A 176 26.39 -8.29 -1.92
C ASP A 176 25.03 -7.66 -2.17
N LEU A 177 24.02 -8.50 -2.40
CA LEU A 177 22.67 -8.06 -2.68
C LEU A 177 21.79 -8.29 -1.47
N ILE A 178 20.92 -7.31 -1.16
CA ILE A 178 20.01 -7.34 -0.02
C ILE A 178 18.57 -7.18 -0.50
N ASP A 179 17.63 -7.57 0.37
CA ASP A 179 16.23 -7.22 0.18
C ASP A 179 16.06 -5.76 0.57
N ILE A 180 15.92 -4.88 -0.41
CA ILE A 180 15.86 -3.45 -0.12
C ILE A 180 14.57 -3.08 0.62
N TYR A 181 13.43 -3.66 0.22
CA TYR A 181 12.17 -3.29 0.86
C TYR A 181 12.18 -3.64 2.34
N ARG A 182 12.56 -4.88 2.67
CA ARG A 182 12.59 -5.28 4.07
C ARG A 182 13.73 -4.63 4.84
N THR A 183 14.82 -4.22 4.18
CA THR A 183 15.85 -3.50 4.94
C THR A 183 15.34 -2.12 5.35
N LEU A 184 14.55 -1.47 4.48
CA LEU A 184 13.91 -0.21 4.86
C LEU A 184 12.76 -0.41 5.86
N HIS A 185 12.09 -1.57 5.82
CA HIS A 185 10.91 -1.86 6.66
C HIS A 185 11.05 -3.24 7.27
N PRO A 186 11.95 -3.41 8.24
CA PRO A 186 12.32 -4.78 8.68
C PRO A 186 11.17 -5.60 9.26
N LYS A 187 10.20 -4.97 9.93
CA LYS A 187 9.07 -5.69 10.51
C LYS A 187 7.79 -5.55 9.66
N SER A 188 7.93 -5.17 8.39
CA SER A 188 6.80 -5.04 7.49
C SER A 188 6.01 -6.34 7.41
N THR A 189 4.68 -6.22 7.43
CA THR A 189 3.78 -7.35 7.20
C THR A 189 2.80 -7.03 6.08
N GLU A 190 3.30 -6.39 5.03
CA GLU A 190 2.53 -6.08 3.83
C GLU A 190 2.62 -7.22 2.81
N TYR A 191 1.70 -7.21 1.86
CA TYR A 191 1.67 -8.31 0.89
C TYR A 191 1.37 -7.76 -0.50
N THR A 192 1.69 -8.56 -1.52
CA THR A 192 1.43 -8.18 -2.91
C THR A 192 0.56 -9.18 -3.66
N PHE A 193 0.27 -10.34 -3.08
CA PHE A 193 -0.50 -11.38 -3.74
C PHE A 193 -1.37 -12.07 -2.70
N PHE A 194 -2.58 -12.45 -3.09
CA PHE A 194 -3.49 -13.22 -2.25
C PHE A 194 -3.81 -14.52 -2.94
N SER A 195 -3.69 -15.62 -2.22
CA SER A 195 -3.97 -16.95 -2.75
C SER A 195 -5.29 -17.45 -2.16
N ALA A 196 -6.35 -17.43 -2.98
CA ALA A 196 -7.66 -17.87 -2.49
C ALA A 196 -7.74 -19.34 -2.10
N PRO A 197 -7.06 -20.29 -2.76
CA PRO A 197 -7.20 -21.69 -2.32
C PRO A 197 -6.76 -21.91 -0.87
N HIS A 198 -5.81 -21.12 -0.37
CA HIS A 198 -5.34 -21.28 1.00
C HIS A 198 -5.64 -20.08 1.89
N HIS A 199 -6.37 -19.08 1.39
CA HIS A 199 -6.58 -17.81 2.07
C HIS A 199 -5.29 -17.33 2.73
N THR A 200 -4.23 -17.33 1.94
CA THR A 200 -2.91 -16.91 2.37
C THR A 200 -2.51 -15.65 1.62
N TYR A 201 -1.93 -14.71 2.36
CA TYR A 201 -1.37 -13.50 1.78
C TYR A 201 0.13 -13.66 1.74
N SER A 202 0.75 -13.16 0.66
CA SER A 202 2.20 -13.28 0.59
C SER A 202 2.81 -12.14 -0.21
N LYS A 203 4.05 -11.80 0.17
CA LYS A 203 4.84 -10.82 -0.58
C LYS A 203 5.81 -11.61 -1.44
N ILE A 204 5.39 -11.88 -2.69
CA ILE A 204 6.21 -12.63 -3.65
C ILE A 204 6.81 -11.72 -4.71
N ASP A 205 6.48 -10.43 -4.68
CA ASP A 205 7.13 -9.41 -5.49
C ASP A 205 8.15 -8.66 -4.62
N HIS A 206 9.30 -8.35 -5.21
CA HIS A 206 10.47 -7.94 -4.44
C HIS A 206 11.25 -6.85 -5.13
N ILE A 207 11.96 -6.06 -4.33
CA ILE A 207 13.02 -5.17 -4.81
C ILE A 207 14.29 -5.53 -4.06
N VAL A 208 15.22 -6.19 -4.75
CA VAL A 208 16.51 -6.59 -4.23
C VAL A 208 17.57 -5.73 -4.92
N GLY A 209 18.67 -5.46 -4.20
CA GLY A 209 19.66 -4.54 -4.73
C GLY A 209 20.99 -4.60 -4.01
N SER A 210 21.98 -3.98 -4.66
CA SER A 210 23.33 -3.88 -4.13
C SER A 210 23.32 -3.18 -2.78
N LYS A 211 24.08 -3.75 -1.84
CA LYS A 211 24.32 -3.11 -0.54
C LYS A 211 24.74 -1.65 -0.72
N ALA A 212 25.58 -1.38 -1.73
CA ALA A 212 26.09 -0.04 -1.96
C ALA A 212 25.01 0.95 -2.41
N LEU A 213 23.85 0.48 -2.86
CA LEU A 213 22.76 1.40 -3.19
C LEU A 213 21.90 1.80 -1.98
N LEU A 214 22.07 1.13 -0.82
CA LEU A 214 21.16 1.35 0.30
C LEU A 214 21.06 2.82 0.67
N SER A 215 22.21 3.49 0.80
CA SER A 215 22.24 4.91 1.13
C SER A 215 21.47 5.78 0.14
N LYS A 216 21.26 5.32 -1.10
CA LYS A 216 20.55 6.10 -2.10
C LYS A 216 19.06 5.83 -2.14
N CYS A 217 18.56 4.86 -1.38
CA CYS A 217 17.16 4.46 -1.42
C CYS A 217 16.38 5.31 -0.41
N LYS A 218 15.58 6.24 -0.93
CA LYS A 218 14.87 7.16 -0.05
C LYS A 218 13.60 6.54 0.51
N ARG A 219 12.78 5.95 -0.34
CA ARG A 219 11.45 5.53 0.06
C ARG A 219 11.07 4.31 -0.74
N THR A 220 10.23 3.45 -0.16
CA THR A 220 9.74 2.30 -0.90
C THR A 220 8.39 1.87 -0.34
N GLU A 221 7.46 1.52 -1.22
CA GLU A 221 6.09 1.29 -0.79
C GLU A 221 5.34 0.46 -1.81
N ILE A 222 4.28 -0.15 -1.35
CA ILE A 222 3.46 -1.06 -2.15
C ILE A 222 2.21 -0.30 -2.61
N ILE A 223 1.71 -0.64 -3.79
CA ILE A 223 0.63 0.11 -4.46
C ILE A 223 -0.41 -0.89 -4.96
N THR A 224 -1.53 -0.99 -4.24
CA THR A 224 -2.67 -1.77 -4.69
C THR A 224 -3.29 -1.10 -5.90
N ASN A 225 -3.98 -1.89 -6.71
CA ASN A 225 -4.47 -1.40 -7.99
C ASN A 225 -5.62 -2.27 -8.45
N TYR A 226 -6.31 -1.80 -9.49
CA TYR A 226 -7.40 -2.51 -10.14
C TYR A 226 -6.98 -3.20 -11.43
N LEU A 227 -5.68 -3.27 -11.75
CA LEU A 227 -5.24 -3.80 -13.03
C LEU A 227 -4.98 -5.31 -13.03
N SER A 228 -4.62 -5.89 -11.88
CA SER A 228 -3.92 -7.16 -11.88
C SER A 228 -4.18 -7.89 -10.57
N ASP A 229 -3.75 -9.16 -10.51
CA ASP A 229 -3.76 -9.92 -9.27
C ASP A 229 -2.48 -9.69 -8.43
N HIS A 230 -1.64 -8.71 -8.80
CA HIS A 230 -0.48 -8.34 -8.01
C HIS A 230 -0.50 -6.84 -7.75
N SER A 231 -0.09 -6.47 -6.53
CA SER A 231 0.21 -5.09 -6.20
C SER A 231 1.62 -4.74 -6.67
N ALA A 232 1.81 -3.47 -7.03
CA ALA A 232 3.09 -2.97 -7.47
C ALA A 232 3.95 -2.57 -6.28
N ILE A 233 5.26 -2.42 -6.55
CA ILE A 233 6.19 -1.88 -5.57
C ILE A 233 6.96 -0.76 -6.25
N LYS A 234 7.17 0.33 -5.53
CA LYS A 234 7.82 1.52 -6.05
C LYS A 234 9.01 1.85 -5.17
N LEU A 235 10.13 2.20 -5.79
CA LEU A 235 11.33 2.60 -5.06
C LEU A 235 11.73 3.99 -5.50
N GLU A 236 12.04 4.86 -4.53
CA GLU A 236 12.60 6.17 -4.83
C GLU A 236 14.10 6.15 -4.54
N LEU A 237 14.88 6.60 -5.51
CA LEU A 237 16.33 6.45 -5.50
C LEU A 237 16.99 7.82 -5.65
N ARG A 238 18.14 7.98 -5.01
CA ARG A 238 18.92 9.22 -5.13
C ARG A 238 20.11 9.06 -6.08
N SER B 6 8.92 18.81 13.08
CA SER B 6 8.04 17.95 13.87
C SER B 6 6.84 17.50 13.06
N HIS B 7 6.72 16.19 12.86
CA HIS B 7 5.59 15.59 12.18
C HIS B 7 4.78 14.76 13.15
N ILE B 8 3.51 14.58 12.82
CA ILE B 8 2.67 13.60 13.48
C ILE B 8 2.13 12.68 12.40
N THR B 9 2.08 11.39 12.70
CA THR B 9 1.40 10.45 11.84
C THR B 9 0.12 9.99 12.52
N ILE B 10 -0.97 10.01 11.75
CA ILE B 10 -2.26 9.52 12.20
C ILE B 10 -2.64 8.34 11.33
N LEU B 11 -3.10 7.26 11.97
CA LEU B 11 -3.36 5.99 11.35
C LEU B 11 -4.80 5.55 11.62
N THR B 12 -5.45 4.92 10.64
CA THR B 12 -6.77 4.33 10.86
C THR B 12 -6.78 2.89 10.34
N LEU B 13 -7.40 1.99 11.11
CA LEU B 13 -7.42 0.57 10.81
C LEU B 13 -8.65 -0.08 11.41
N ASN B 14 -9.43 -0.77 10.57
CA ASN B 14 -10.47 -1.67 11.03
C ASN B 14 -9.78 -3.00 11.36
N ILE B 15 -9.73 -3.33 12.66
CA ILE B 15 -8.95 -4.48 13.12
C ILE B 15 -9.77 -5.75 13.18
N ASN B 16 -11.08 -5.67 12.98
CA ASN B 16 -11.95 -6.84 12.99
C ASN B 16 -11.79 -7.68 14.24
N GLY B 17 -11.90 -7.02 15.41
CA GLY B 17 -12.01 -7.74 16.67
C GLY B 17 -10.74 -7.80 17.50
N LEU B 18 -10.86 -7.61 18.83
CA LEU B 18 -9.71 -7.61 19.72
C LEU B 18 -9.93 -8.44 20.98
N ASN B 19 -10.87 -9.39 20.96
CA ASN B 19 -11.17 -10.09 22.20
C ASN B 19 -10.09 -11.10 22.56
N SER B 20 -9.47 -11.74 21.57
CA SER B 20 -8.41 -12.68 21.87
C SER B 20 -7.11 -11.96 22.23
N ALA B 21 -6.35 -12.57 23.13
CA ALA B 21 -5.07 -12.00 23.55
C ALA B 21 -4.05 -11.99 22.41
N ILE B 22 -4.00 -13.04 21.59
CA ILE B 22 -2.98 -13.06 20.56
C ILE B 22 -3.27 -12.03 19.47
N LYS B 23 -4.55 -11.77 19.19
CA LYS B 23 -4.91 -10.67 18.30
C LYS B 23 -4.45 -9.34 18.88
N ARG B 24 -4.71 -9.13 20.18
CA ARG B 24 -4.23 -7.92 20.84
C ARG B 24 -2.70 -7.81 20.79
N HIS B 25 -2.00 -8.95 20.87
CA HIS B 25 -0.54 -8.90 20.80
C HIS B 25 -0.05 -8.61 19.39
N ARG B 26 -0.68 -9.21 18.38
CA ARG B 26 -0.29 -8.91 17.01
C ARG B 26 -0.56 -7.44 16.68
N LEU B 27 -1.69 -6.90 17.17
CA LEU B 27 -1.95 -5.48 16.96
C LEU B 27 -0.87 -4.60 17.61
N ALA B 28 -0.42 -4.98 18.83
CA ALA B 28 0.60 -4.20 19.55
C ALA B 28 1.92 -4.19 18.79
N SER B 29 2.38 -5.36 18.32
CA SER B 29 3.57 -5.40 17.47
C SER B 29 3.41 -4.50 16.26
N TRP B 30 2.25 -4.56 15.62
CA TRP B 30 2.05 -3.80 14.39
C TRP B 30 2.07 -2.30 14.67
N ILE B 31 1.51 -1.88 15.79
CA ILE B 31 1.49 -0.46 16.12
C ILE B 31 2.90 0.05 16.41
N LYS B 32 3.65 -0.66 17.26
CA LYS B 32 5.02 -0.24 17.54
C LYS B 32 5.82 -0.14 16.24
N SER B 33 5.66 -1.12 15.36
CA SER B 33 6.30 -1.08 14.06
C SER B 33 5.91 0.18 13.27
N GLN B 34 4.60 0.48 13.17
CA GLN B 34 4.18 1.68 12.43
C GLN B 34 4.49 2.96 13.19
N ASP B 35 4.59 2.89 14.51
CA ASP B 35 4.87 4.04 15.37
C ASP B 35 4.06 5.30 15.07
N PRO B 36 2.72 5.22 15.07
CA PRO B 36 1.93 6.44 14.86
C PRO B 36 1.84 7.29 16.12
N SER B 37 1.76 8.60 15.90
CA SER B 37 1.46 9.52 17.01
C SER B 37 0.06 9.27 17.54
N VAL B 38 -0.89 9.04 16.64
CA VAL B 38 -2.28 8.73 16.98
C VAL B 38 -2.75 7.56 16.13
N CYS B 39 -3.54 6.67 16.72
CA CYS B 39 -4.07 5.50 16.01
C CYS B 39 -5.56 5.39 16.25
N CYS B 40 -6.35 5.43 15.16
CA CYS B 40 -7.79 5.20 15.21
C CYS B 40 -8.09 3.76 14.78
N ILE B 41 -8.73 3.01 15.67
CA ILE B 41 -9.10 1.61 15.45
C ILE B 41 -10.60 1.51 15.36
N GLN B 42 -11.11 0.68 14.44
CA GLN B 42 -12.52 0.36 14.43
C GLN B 42 -12.72 -1.14 14.63
N GLU B 43 -13.92 -1.48 15.12
CA GLU B 43 -14.32 -2.87 15.38
C GLU B 43 -13.37 -3.55 16.36
N THR B 44 -13.20 -2.93 17.54
CA THR B 44 -12.53 -3.63 18.62
C THR B 44 -13.35 -4.81 19.12
N HIS B 45 -14.67 -4.81 18.87
CA HIS B 45 -15.62 -5.78 19.42
C HIS B 45 -15.51 -5.93 20.94
N LEU B 46 -15.00 -4.92 21.63
CA LEU B 46 -14.89 -4.98 23.08
C LEU B 46 -16.16 -4.39 23.70
N THR B 47 -16.78 -5.14 24.60
CA THR B 47 -17.92 -4.57 25.31
C THR B 47 -17.47 -3.44 26.23
N CYS B 48 -18.45 -2.70 26.74
CA CYS B 48 -18.16 -1.69 27.75
C CYS B 48 -17.58 -2.31 29.02
N ARG B 49 -17.88 -3.60 29.29
CA ARG B 49 -17.32 -4.29 30.43
C ARG B 49 -15.89 -4.80 30.21
N ASP B 50 -15.34 -4.70 29.00
CA ASP B 50 -14.04 -5.27 28.71
C ASP B 50 -13.06 -4.27 28.12
N THR B 51 -13.33 -2.97 28.25
CA THR B 51 -12.48 -1.96 27.62
C THR B 51 -11.06 -1.97 28.19
N HIS B 52 -10.89 -2.32 29.46
CA HIS B 52 -9.57 -2.42 30.06
C HIS B 52 -8.69 -3.47 29.41
N ARG B 53 -9.28 -4.42 28.68
CA ARG B 53 -8.45 -5.40 27.99
C ARG B 53 -7.58 -4.80 26.91
N LEU B 54 -7.82 -3.54 26.53
CA LEU B 54 -7.01 -2.88 25.50
C LEU B 54 -5.88 -2.10 26.18
N LYS B 55 -4.70 -2.73 26.25
CA LYS B 55 -3.48 -2.10 26.73
C LYS B 55 -2.40 -2.32 25.69
N ILE B 56 -1.81 -1.24 25.20
CA ILE B 56 -0.77 -1.29 24.17
C ILE B 56 0.48 -0.62 24.75
N LYS B 57 1.61 -1.32 24.69
CA LYS B 57 2.85 -0.79 25.26
C LYS B 57 3.38 0.33 24.39
N GLY B 58 3.55 1.52 24.96
CA GLY B 58 3.89 2.70 24.20
C GLY B 58 2.70 3.57 23.87
N TRP B 59 1.48 3.09 24.11
CA TRP B 59 0.24 3.78 23.69
C TRP B 59 -0.73 3.75 24.86
N ARG B 60 -0.40 4.54 25.87
CA ARG B 60 -1.03 4.45 27.18
C ARG B 60 -2.33 5.23 27.25
N LYS B 61 -2.38 6.40 26.62
CA LYS B 61 -3.60 7.21 26.48
C LYS B 61 -4.51 6.59 25.44
N ILE B 62 -5.57 5.89 25.88
CA ILE B 62 -6.54 5.27 25.00
C ILE B 62 -7.93 5.80 25.34
N TYR B 63 -8.70 6.15 24.32
CA TYR B 63 -10.09 6.58 24.49
C TYR B 63 -11.00 5.66 23.69
N GLN B 64 -11.98 5.04 24.37
CA GLN B 64 -12.83 4.03 23.76
C GLN B 64 -14.31 4.42 23.85
N ALA B 65 -15.06 3.94 22.86
CA ALA B 65 -16.51 3.94 22.88
C ALA B 65 -16.96 2.54 22.48
N ASN B 66 -17.78 1.92 23.31
CA ASN B 66 -18.17 0.54 23.12
C ASN B 66 -19.64 0.37 23.44
N GLY B 67 -20.27 -0.57 22.73
CA GLY B 67 -21.61 -0.98 23.05
C GLY B 67 -21.62 -2.06 24.13
N LYS B 68 -22.79 -2.67 24.31
CA LYS B 68 -22.97 -3.74 25.28
C LYS B 68 -22.66 -5.12 24.69
N GLN B 69 -22.42 -5.21 23.38
CA GLN B 69 -22.21 -6.48 22.72
C GLN B 69 -20.80 -6.51 22.11
N LYS B 70 -20.37 -7.70 21.72
CA LYS B 70 -19.08 -7.85 21.03
C LYS B 70 -19.24 -7.49 19.55
N LYS B 71 -19.75 -6.28 19.33
CA LYS B 71 -19.94 -5.71 18.00
C LYS B 71 -19.42 -4.28 18.03
N ALA B 72 -19.08 -3.77 16.85
CA ALA B 72 -18.60 -2.40 16.72
C ALA B 72 -17.43 -2.15 17.68
N GLY B 73 -17.41 -0.99 18.34
CA GLY B 73 -16.33 -0.67 19.28
C GLY B 73 -15.19 0.09 18.63
N VAL B 74 -14.93 1.32 19.09
CA VAL B 74 -13.88 2.17 18.52
C VAL B 74 -12.94 2.65 19.63
N ALA B 75 -11.76 3.10 19.19
CA ALA B 75 -10.70 3.49 20.11
C ALA B 75 -9.76 4.47 19.42
N ILE B 76 -9.30 5.45 20.17
CA ILE B 76 -8.25 6.36 19.72
C ILE B 76 -7.10 6.23 20.71
N LEU B 77 -5.96 5.76 20.21
CA LEU B 77 -4.76 5.55 21.00
C LEU B 77 -3.75 6.64 20.69
N VAL B 78 -3.06 7.14 21.71
CA VAL B 78 -2.07 8.19 21.54
C VAL B 78 -0.74 7.69 22.09
N SER B 79 0.33 7.89 21.32
CA SER B 79 1.64 7.37 21.68
C SER B 79 2.21 8.14 22.87
N ASP B 80 2.97 7.41 23.70
CA ASP B 80 3.56 7.98 24.90
C ASP B 80 4.54 9.11 24.62
N LYS B 81 5.06 9.20 23.40
CA LYS B 81 6.03 10.23 23.03
C LYS B 81 5.35 11.47 22.45
N THR B 82 4.06 11.43 22.21
CA THR B 82 3.32 12.56 21.69
C THR B 82 2.76 13.35 22.86
N ASP B 83 3.02 14.65 22.88
CA ASP B 83 2.49 15.48 23.97
C ASP B 83 1.11 15.94 23.54
N PHE B 84 0.11 15.13 23.86
CA PHE B 84 -1.27 15.39 23.52
C PHE B 84 -1.98 15.91 24.77
N LYS B 85 -2.75 16.97 24.60
CA LYS B 85 -3.52 17.56 25.70
C LYS B 85 -4.99 17.51 25.34
N PRO B 86 -5.74 16.53 25.84
CA PRO B 86 -7.16 16.43 25.48
C PRO B 86 -7.97 17.53 26.14
N THR B 87 -9.03 17.94 25.43
CA THR B 87 -10.01 18.89 25.95
C THR B 87 -11.42 18.34 25.97
N LYS B 88 -11.73 17.37 25.10
CA LYS B 88 -13.09 16.87 24.98
C LYS B 88 -13.05 15.47 24.40
N ILE B 89 -13.92 14.61 24.92
CA ILE B 89 -14.09 13.25 24.42
C ILE B 89 -15.59 12.94 24.42
N LYS B 90 -16.14 12.68 23.23
CA LYS B 90 -17.54 12.31 23.09
C LYS B 90 -17.62 10.87 22.59
N ARG B 91 -18.26 10.01 23.38
CA ARG B 91 -18.35 8.59 23.07
C ARG B 91 -19.77 8.23 22.64
N ASP B 92 -19.88 7.54 21.50
CA ASP B 92 -21.14 6.95 21.11
C ASP B 92 -21.49 5.83 22.08
N LYS B 93 -22.75 5.83 22.54
CA LYS B 93 -23.22 4.79 23.45
C LYS B 93 -23.24 3.41 22.78
N GLU B 94 -23.42 3.36 21.46
CA GLU B 94 -23.42 2.08 20.75
C GLU B 94 -22.08 1.77 20.10
N GLY B 95 -21.03 2.52 20.42
CA GLY B 95 -19.69 2.14 20.01
C GLY B 95 -19.37 2.25 18.52
N HIS B 96 -20.04 3.14 17.81
CA HIS B 96 -19.75 3.35 16.39
C HIS B 96 -18.93 4.60 16.13
N TYR B 97 -18.69 5.45 17.14
CA TYR B 97 -17.79 6.58 16.93
C TYR B 97 -17.27 7.11 18.25
N ILE B 98 -16.18 7.85 18.15
CA ILE B 98 -15.63 8.58 19.29
C ILE B 98 -14.91 9.80 18.78
N MET B 99 -15.18 10.95 19.41
CA MET B 99 -14.56 12.20 19.03
C MET B 99 -13.64 12.66 20.15
N VAL B 100 -12.38 12.90 19.82
CA VAL B 100 -11.38 13.40 20.75
C VAL B 100 -10.89 14.74 20.22
N LYS B 101 -11.10 15.80 21.01
CA LYS B 101 -10.52 17.11 20.75
C LYS B 101 -9.32 17.31 21.67
N GLY B 102 -8.24 17.86 21.13
CA GLY B 102 -7.07 18.15 21.92
C GLY B 102 -6.10 19.02 21.16
N SER B 103 -4.85 19.05 21.65
CA SER B 103 -3.80 19.77 20.94
C SER B 103 -2.49 19.01 21.05
N ILE B 104 -1.69 19.08 19.99
CA ILE B 104 -0.33 18.53 19.96
C ILE B 104 0.61 19.65 19.55
N GLN B 105 1.51 20.04 20.46
CA GLN B 105 2.43 21.16 20.23
C GLN B 105 1.66 22.45 19.91
N GLN B 106 0.62 22.70 20.71
CA GLN B 106 -0.22 23.90 20.71
C GLN B 106 -1.15 24.03 19.50
N GLU B 107 -1.11 23.10 18.53
CA GLU B 107 -2.05 23.16 17.41
C GLU B 107 -3.26 22.27 17.70
N GLU B 108 -4.46 22.85 17.61
CA GLU B 108 -5.67 22.12 17.96
C GLU B 108 -6.07 21.14 16.86
N LEU B 109 -6.62 20.00 17.28
CA LEU B 109 -6.94 18.90 16.38
C LEU B 109 -8.24 18.24 16.87
N THR B 110 -9.23 18.14 15.98
CA THR B 110 -10.49 17.47 16.28
C THR B 110 -10.53 16.17 15.48
N ILE B 111 -10.51 15.04 16.17
CA ILE B 111 -10.47 13.72 15.53
C ILE B 111 -11.79 13.00 15.79
N LEU B 112 -12.48 12.66 14.71
CA LEU B 112 -13.67 11.82 14.77
C LEU B 112 -13.33 10.47 14.17
N ASN B 113 -13.39 9.44 14.99
CA ASN B 113 -13.13 8.06 14.58
C ASN B 113 -14.50 7.42 14.42
N ILE B 114 -14.83 6.94 13.21
CA ILE B 114 -16.18 6.50 12.93
C ILE B 114 -16.16 5.10 12.33
N TYR B 115 -17.15 4.29 12.73
CA TYR B 115 -17.38 2.98 12.13
C TYR B 115 -18.87 2.93 11.75
N ALA B 116 -19.17 3.07 10.42
CA ALA B 116 -20.53 3.02 9.89
C ALA B 116 -21.03 1.58 9.80
N PRO B 117 -22.33 1.36 10.03
CA PRO B 117 -22.91 0.04 9.76
C PRO B 117 -22.83 -0.31 8.28
N ASN B 118 -22.90 -1.61 7.98
CA ASN B 118 -22.86 -2.04 6.59
C ASN B 118 -24.05 -1.48 5.81
N THR B 119 -25.21 -1.46 6.45
CA THR B 119 -26.46 -0.99 5.85
C THR B 119 -26.69 0.47 6.22
N GLY B 120 -27.08 1.28 5.24
CA GLY B 120 -27.37 2.69 5.50
C GLY B 120 -26.14 3.48 5.91
N ALA B 121 -24.96 3.12 5.38
CA ALA B 121 -23.73 3.74 5.86
C ALA B 121 -23.68 5.24 5.60
N PRO B 122 -23.84 5.75 4.38
CA PRO B 122 -23.74 7.21 4.20
C PRO B 122 -24.80 7.99 4.95
N ARG B 123 -25.99 7.40 5.17
CA ARG B 123 -27.03 8.07 5.95
C ARG B 123 -26.66 8.07 7.43
N PHE B 124 -26.07 6.99 7.93
CA PHE B 124 -25.59 6.97 9.30
C PHE B 124 -24.53 8.04 9.52
N ILE B 125 -23.58 8.15 8.58
CA ILE B 125 -22.51 9.13 8.71
C ILE B 125 -23.08 10.54 8.71
N LYS B 126 -24.03 10.80 7.82
CA LYS B 126 -24.62 12.14 7.74
C LYS B 126 -25.32 12.52 9.05
N GLN B 127 -26.00 11.55 9.67
CA GLN B 127 -26.66 11.82 10.94
C GLN B 127 -25.65 12.13 12.04
N VAL B 128 -24.52 11.41 12.05
CA VAL B 128 -23.44 11.69 13.00
C VAL B 128 -22.93 13.12 12.83
N LEU B 129 -22.63 13.50 11.58
CA LEU B 129 -22.17 14.86 11.32
C LEU B 129 -23.18 15.89 11.80
N SER B 130 -24.47 15.57 11.67
CA SER B 130 -25.49 16.49 12.17
C SER B 130 -25.50 16.54 13.70
N ASP B 131 -25.44 15.38 14.35
CA ASP B 131 -25.43 15.35 15.82
C ASP B 131 -24.25 16.12 16.39
N LEU B 132 -23.08 16.03 15.73
CA LEU B 132 -21.86 16.68 16.18
C LEU B 132 -21.56 17.98 15.46
N GLN B 133 -22.56 18.64 14.88
CA GLN B 133 -22.25 19.80 14.02
C GLN B 133 -21.56 20.91 14.80
N ARG B 134 -21.91 21.10 16.08
CA ARG B 134 -21.34 22.17 16.88
C ARG B 134 -19.87 21.94 17.23
N ASP B 135 -19.40 20.69 17.18
CA ASP B 135 -18.02 20.35 17.46
C ASP B 135 -17.13 20.31 16.22
N LEU B 136 -17.70 20.33 15.02
CA LEU B 136 -16.91 20.37 13.80
C LEU B 136 -16.32 21.75 13.61
N ASP B 137 -15.06 21.79 13.20
CA ASP B 137 -14.31 23.05 13.08
C ASP B 137 -13.38 22.93 11.88
N SER B 138 -12.46 23.88 11.76
CA SER B 138 -11.54 23.91 10.63
C SER B 138 -10.21 23.21 10.92
N HIS B 139 -10.12 22.42 12.00
CA HIS B 139 -9.02 21.50 12.20
C HIS B 139 -9.56 20.12 12.55
N THR B 140 -10.58 19.70 11.82
CA THR B 140 -11.24 18.41 12.03
C THR B 140 -10.68 17.37 11.08
N LEU B 141 -10.40 16.19 11.61
CA LEU B 141 -10.14 14.98 10.83
C LEU B 141 -11.25 13.99 11.11
N ILE B 142 -11.82 13.43 10.05
CA ILE B 142 -12.78 12.36 10.15
C ILE B 142 -12.18 11.15 9.47
N MET B 143 -11.98 10.09 10.24
CA MET B 143 -11.40 8.90 9.64
C MET B 143 -12.05 7.66 10.21
N GLY B 144 -11.90 6.57 9.48
CA GLY B 144 -12.35 5.27 9.91
C GLY B 144 -12.93 4.50 8.74
N ASP B 145 -13.75 3.52 9.08
CA ASP B 145 -14.38 2.64 8.10
C ASP B 145 -15.78 3.22 7.83
N PHE B 146 -15.89 3.98 6.73
CA PHE B 146 -17.15 4.57 6.32
C PHE B 146 -18.12 3.55 5.73
N ASN B 147 -17.62 2.38 5.34
CA ASN B 147 -18.44 1.33 4.74
C ASN B 147 -19.14 1.83 3.47
N THR B 148 -18.55 2.82 2.80
CA THR B 148 -19.10 3.35 1.57
C THR B 148 -17.97 3.99 0.76
N PRO B 149 -18.03 3.92 -0.56
CA PRO B 149 -17.18 4.78 -1.38
C PRO B 149 -17.61 6.23 -1.22
N LEU B 150 -16.72 7.15 -1.57
CA LEU B 150 -17.07 8.57 -1.65
C LEU B 150 -17.09 9.11 -3.07
N SER B 151 -16.39 8.47 -4.02
CA SER B 151 -16.43 8.89 -5.41
C SER B 151 -16.22 7.65 -6.29
N THR B 152 -16.32 7.85 -7.61
CA THR B 152 -16.40 6.69 -8.50
C THR B 152 -15.14 5.84 -8.44
N LEU B 153 -13.96 6.46 -8.30
CA LEU B 153 -12.78 5.62 -8.31
C LEU B 153 -12.56 4.84 -7.00
N ASP B 154 -13.41 5.01 -5.99
CA ASP B 154 -13.29 4.21 -4.78
C ASP B 154 -13.81 2.78 -4.94
N ARG B 155 -14.25 2.38 -6.15
CA ARG B 155 -14.66 1.00 -6.45
C ARG B 155 -14.07 0.54 -7.78
N SER B 156 -13.61 -0.71 -7.80
CA SER B 156 -13.01 -1.28 -9.00
C SER B 156 -14.00 -1.32 -10.16
N THR B 157 -15.30 -1.41 -9.86
CA THR B 157 -16.35 -1.40 -10.88
C THR B 157 -16.61 -0.02 -11.47
N ARG B 158 -16.09 1.04 -10.84
CA ARG B 158 -16.32 2.42 -11.28
C ARG B 158 -17.81 2.79 -11.30
N GLN B 159 -18.63 2.10 -10.52
CA GLN B 159 -20.02 2.51 -10.39
C GLN B 159 -20.10 3.89 -9.73
N LYS B 160 -21.02 4.73 -10.23
CA LYS B 160 -21.22 6.04 -9.60
C LYS B 160 -21.89 5.89 -8.24
N VAL B 161 -21.54 6.79 -7.33
CA VAL B 161 -22.05 6.72 -5.97
C VAL B 161 -23.54 7.00 -5.96
N ASN B 162 -24.27 6.29 -5.10
CA ASN B 162 -25.72 6.39 -5.03
C ASN B 162 -26.16 7.71 -4.38
N LYS B 163 -27.48 7.90 -4.27
CA LYS B 163 -28.05 9.16 -3.83
C LYS B 163 -27.72 9.46 -2.36
N ASP B 164 -27.73 8.44 -1.49
CA ASP B 164 -27.38 8.70 -0.10
C ASP B 164 -25.93 9.16 0.04
N THR B 165 -25.03 8.61 -0.79
CA THR B 165 -23.64 9.04 -0.72
C THR B 165 -23.49 10.47 -1.20
N GLN B 166 -24.21 10.85 -2.26
CA GLN B 166 -24.17 12.22 -2.75
C GLN B 166 -24.62 13.21 -1.69
N GLU B 167 -25.69 12.87 -0.95
CA GLU B 167 -26.14 13.74 0.13
C GLU B 167 -25.09 13.86 1.23
N LEU B 168 -24.37 12.77 1.53
CA LEU B 168 -23.28 12.85 2.49
C LEU B 168 -22.19 13.80 2.02
N ASN B 169 -21.82 13.73 0.75
CA ASN B 169 -20.78 14.62 0.25
C ASN B 169 -21.24 16.07 0.26
N SER B 170 -22.53 16.32 0.05
CA SER B 170 -23.10 17.65 0.24
C SER B 170 -22.94 18.10 1.69
N ALA B 171 -23.33 17.24 2.63
CA ALA B 171 -23.18 17.57 4.05
C ALA B 171 -21.71 17.82 4.39
N LEU B 172 -20.80 17.00 3.85
CA LEU B 172 -19.37 17.24 4.04
C LEU B 172 -18.95 18.59 3.44
N HIS B 173 -19.47 18.91 2.24
CA HIS B 173 -19.10 20.16 1.59
C HIS B 173 -19.58 21.37 2.40
N GLN B 174 -20.78 21.28 2.98
CA GLN B 174 -21.27 22.40 3.80
C GLN B 174 -20.38 22.63 5.02
N ALA B 175 -19.75 21.57 5.54
CA ALA B 175 -18.82 21.68 6.65
C ALA B 175 -17.39 21.95 6.20
N ASP B 176 -17.19 22.26 4.91
CA ASP B 176 -15.85 22.49 4.35
C ASP B 176 -14.91 21.33 4.67
N LEU B 177 -15.41 20.12 4.54
CA LEU B 177 -14.62 18.90 4.69
C LEU B 177 -14.38 18.27 3.33
N ILE B 178 -13.16 17.74 3.12
CA ILE B 178 -12.78 17.12 1.86
C ILE B 178 -12.25 15.71 2.12
N ASP B 179 -12.25 14.90 1.06
CA ASP B 179 -11.54 13.63 1.07
C ASP B 179 -10.06 13.94 0.88
N ILE B 180 -9.28 13.79 1.96
CA ILE B 180 -7.87 14.18 1.95
C ILE B 180 -7.06 13.21 1.11
N TYR B 181 -7.31 11.90 1.24
CA TYR B 181 -6.60 10.93 0.42
C TYR B 181 -6.73 11.26 -1.07
N ARG B 182 -7.95 11.44 -1.56
CA ARG B 182 -8.13 11.66 -2.98
C ARG B 182 -7.68 13.06 -3.39
N THR B 183 -7.83 14.07 -2.52
CA THR B 183 -7.30 15.39 -2.87
C THR B 183 -5.80 15.33 -3.12
N LEU B 184 -5.10 14.47 -2.40
CA LEU B 184 -3.68 14.30 -2.62
C LEU B 184 -3.39 13.40 -3.81
N HIS B 185 -4.24 12.40 -4.07
CA HIS B 185 -4.07 11.46 -5.19
C HIS B 185 -5.36 11.36 -5.99
N PRO B 186 -5.69 12.39 -6.77
CA PRO B 186 -7.02 12.42 -7.39
C PRO B 186 -7.31 11.26 -8.32
N LYS B 187 -6.30 10.67 -8.97
CA LYS B 187 -6.49 9.54 -9.87
C LYS B 187 -6.20 8.19 -9.21
N SER B 188 -6.01 8.17 -7.90
CA SER B 188 -5.72 6.95 -7.18
C SER B 188 -6.74 5.86 -7.47
N THR B 189 -6.26 4.62 -7.60
CA THR B 189 -7.07 3.43 -7.80
C THR B 189 -6.64 2.35 -6.82
N GLU B 190 -6.34 2.75 -5.59
CA GLU B 190 -6.03 1.82 -4.52
C GLU B 190 -7.31 1.43 -3.80
N TYR B 191 -7.22 0.38 -2.98
CA TYR B 191 -8.38 -0.09 -2.26
C TYR B 191 -7.94 -0.56 -0.87
N THR B 192 -8.94 -0.74 0.00
CA THR B 192 -8.73 -1.23 1.36
C THR B 192 -9.57 -2.46 1.73
N PHE B 193 -10.43 -2.94 0.83
CA PHE B 193 -11.37 -4.00 1.19
C PHE B 193 -11.72 -4.79 -0.06
N PHE B 194 -11.84 -6.10 0.09
CA PHE B 194 -12.23 -6.94 -1.03
C PHE B 194 -13.51 -7.68 -0.68
N SER B 195 -14.51 -7.56 -1.54
CA SER B 195 -15.76 -8.29 -1.36
C SER B 195 -15.69 -9.50 -2.28
N ALA B 196 -15.43 -10.68 -1.71
CA ALA B 196 -15.33 -11.89 -2.51
C ALA B 196 -16.65 -12.30 -3.18
N PRO B 197 -17.85 -12.03 -2.60
CA PRO B 197 -19.08 -12.28 -3.35
C PRO B 197 -19.11 -11.53 -4.68
N HIS B 198 -19.15 -10.20 -4.60
CA HIS B 198 -19.18 -9.37 -5.79
C HIS B 198 -17.87 -9.37 -6.57
N HIS B 199 -16.79 -9.88 -5.96
CA HIS B 199 -15.45 -9.84 -6.54
C HIS B 199 -15.04 -8.41 -6.91
N THR B 200 -15.46 -7.44 -6.09
CA THR B 200 -15.05 -6.07 -6.33
C THR B 200 -14.11 -5.57 -5.22
N TYR B 201 -13.19 -4.72 -5.62
CA TYR B 201 -12.27 -4.05 -4.73
C TYR B 201 -12.82 -2.68 -4.42
N SER B 202 -12.61 -2.21 -3.18
CA SER B 202 -13.17 -0.91 -2.84
C SER B 202 -12.37 -0.24 -1.75
N LYS B 203 -12.36 1.10 -1.83
CA LYS B 203 -11.84 1.95 -0.76
C LYS B 203 -13.06 2.44 0.02
N ILE B 204 -13.36 1.75 1.12
CA ILE B 204 -14.42 2.19 2.04
C ILE B 204 -13.87 2.75 3.34
N ASP B 205 -12.57 2.66 3.57
CA ASP B 205 -11.90 3.35 4.65
C ASP B 205 -11.40 4.69 4.13
N HIS B 206 -11.49 5.73 4.96
CA HIS B 206 -11.28 7.09 4.46
C HIS B 206 -10.57 7.97 5.47
N ILE B 207 -9.96 9.03 4.95
CA ILE B 207 -9.42 10.09 5.77
C ILE B 207 -10.00 11.39 5.23
N VAL B 208 -10.97 11.93 5.95
CA VAL B 208 -11.64 13.16 5.57
C VAL B 208 -11.25 14.22 6.57
N GLY B 209 -11.22 15.47 6.13
CA GLY B 209 -10.60 16.52 6.91
C GLY B 209 -10.98 17.89 6.44
N SER B 210 -10.84 18.85 7.36
CA SER B 210 -11.07 20.26 7.04
C SER B 210 -10.22 20.69 5.85
N LYS B 211 -10.86 21.42 4.94
CA LYS B 211 -10.14 22.03 3.83
C LYS B 211 -8.94 22.83 4.31
N ALA B 212 -9.11 23.58 5.42
CA ALA B 212 -8.02 24.39 5.94
C ALA B 212 -6.79 23.57 6.34
N LEU B 213 -6.94 22.27 6.58
CA LEU B 213 -5.82 21.41 6.97
C LEU B 213 -4.94 21.00 5.79
N LEU B 214 -5.39 21.24 4.55
CA LEU B 214 -4.72 20.68 3.38
C LEU B 214 -3.23 20.99 3.33
N SER B 215 -2.84 22.23 3.66
CA SER B 215 -1.44 22.60 3.52
C SER B 215 -0.55 21.84 4.51
N LYS B 216 -1.12 21.21 5.54
CA LYS B 216 -0.34 20.46 6.50
C LYS B 216 -0.25 18.97 6.19
N CYS B 217 -0.98 18.49 5.18
CA CYS B 217 -1.02 17.06 4.87
C CYS B 217 0.12 16.74 3.92
N LYS B 218 1.20 16.17 4.48
CA LYS B 218 2.40 15.84 3.70
C LYS B 218 2.18 14.60 2.83
N ARG B 219 1.79 13.49 3.43
CA ARG B 219 1.65 12.23 2.71
C ARG B 219 0.47 11.44 3.27
N THR B 220 -0.06 10.58 2.44
CA THR B 220 -1.11 9.67 2.86
C THR B 220 -1.00 8.39 2.04
N GLU B 221 -1.08 7.25 2.71
CA GLU B 221 -0.81 5.98 2.06
C GLU B 221 -1.60 4.86 2.73
N ILE B 222 -1.71 3.76 1.99
CA ILE B 222 -2.47 2.57 2.39
C ILE B 222 -1.48 1.47 2.76
N ILE B 223 -1.79 0.76 3.83
CA ILE B 223 -0.90 -0.24 4.40
C ILE B 223 -1.67 -1.54 4.51
N THR B 224 -1.35 -2.50 3.64
CA THR B 224 -1.87 -3.84 3.72
C THR B 224 -1.28 -4.55 4.92
N ASN B 225 -1.98 -5.57 5.40
CA ASN B 225 -1.57 -6.18 6.65
C ASN B 225 -2.10 -7.61 6.73
N TYR B 226 -1.63 -8.35 7.74
CA TYR B 226 -2.09 -9.70 8.03
C TYR B 226 -3.14 -9.72 9.13
N LEU B 227 -3.50 -8.56 9.67
CA LEU B 227 -4.31 -8.55 10.88
C LEU B 227 -5.80 -8.66 10.63
N SER B 228 -6.28 -8.19 9.47
CA SER B 228 -7.67 -7.82 9.33
C SER B 228 -8.11 -7.99 7.87
N ASP B 229 -9.42 -7.80 7.63
CA ASP B 229 -9.96 -7.76 6.28
C ASP B 229 -9.99 -6.33 5.71
N HIS B 230 -9.44 -5.36 6.44
CA HIS B 230 -9.28 -4.00 5.96
C HIS B 230 -7.81 -3.62 5.98
N SER B 231 -7.37 -2.91 4.95
CA SER B 231 -6.08 -2.26 4.96
C SER B 231 -6.19 -0.95 5.72
N ALA B 232 -5.09 -0.56 6.35
CA ALA B 232 -4.97 0.69 7.10
C ALA B 232 -4.68 1.86 6.17
N ILE B 233 -4.90 3.07 6.68
CA ILE B 233 -4.53 4.30 6.01
C ILE B 233 -3.72 5.17 6.98
N LYS B 234 -2.61 5.69 6.49
CA LYS B 234 -1.71 6.54 7.25
C LYS B 234 -1.73 7.95 6.69
N LEU B 235 -1.76 8.94 7.57
CA LEU B 235 -1.66 10.34 7.21
C LEU B 235 -0.48 10.96 7.94
N GLU B 236 0.43 11.59 7.19
CA GLU B 236 1.54 12.31 7.77
C GLU B 236 1.26 13.80 7.71
N LEU B 237 1.16 14.43 8.87
CA LEU B 237 0.75 15.82 9.00
C LEU B 237 1.92 16.64 9.54
N ARG B 238 2.18 17.79 8.92
CA ARG B 238 3.31 18.64 9.33
C ARG B 238 3.06 19.28 10.69
MN MN C . -1.04 -14.09 -14.31
S SO4 D . -3.69 -11.72 -22.11
O1 SO4 D . -2.48 -11.03 -22.50
O2 SO4 D . -4.70 -10.71 -21.86
O3 SO4 D . -4.06 -12.62 -23.17
O4 SO4 D . -3.47 -12.52 -20.89
S SO4 E . -2.61 0.55 -28.48
O1 SO4 E . -1.68 1.62 -28.81
O2 SO4 E . -3.96 1.10 -28.64
O3 SO4 E . -2.40 -0.59 -29.37
O4 SO4 E . -2.41 0.13 -27.09
S SO4 F . -10.32 3.60 -24.08
O1 SO4 F . -9.03 3.12 -23.59
O2 SO4 F . -10.31 5.07 -24.13
O3 SO4 F . -10.52 3.08 -25.42
O4 SO4 F . -11.38 3.13 -23.21
MN MN G . -15.40 -7.26 10.88
S SO4 H . -13.64 -11.06 18.25
O1 SO4 H . -12.85 -10.04 18.93
O2 SO4 H . -14.30 -10.50 17.08
O3 SO4 H . -12.75 -12.14 17.82
O4 SO4 H . -14.64 -11.57 19.18
S SO4 I . -12.17 4.91 28.23
O1 SO4 I . -11.70 5.46 29.51
O2 SO4 I . -12.29 6.01 27.25
O3 SO4 I . -11.20 3.94 27.71
O4 SO4 I . -13.45 4.22 28.43
#